data_6AX3
#
_entry.id   6AX3
#
_cell.length_a   49.456
_cell.length_b   64.706
_cell.length_c   77.155
_cell.angle_alpha   90.00
_cell.angle_beta   90.00
_cell.angle_gamma   90.00
#
_symmetry.space_group_name_H-M   'P 21 21 21'
#
loop_
_entity.id
_entity.type
_entity.pdbx_description
1 polymer 'Lysine-specific demethylase 8'
2 non-polymer 'N3, N4-DIMETHYLARGININE'
3 non-polymer '2-OXOGLUTARIC ACID'
4 non-polymer 'ZINC ION'
5 water water
#
_entity_poly.entity_id   1
_entity_poly.type   'polypeptide(L)'
_entity_poly.pdbx_seq_one_letter_code
;GSGVPRLHRPSLQHFREQFLVPGRPVILKGVADHWPCMQKWSLEYIQEIAGCRTVPVEVGSRYTDEEWSQTLMTVNEFIS
KYIVNEPRDVGYLAQHQLFDQIPELKQDISIPDYCSLGDGEEEEITINAWFGPQGTISPLHQDPQQNFLVQVMGRKYIRL
YSPQESGALYPHDTHLLHNTSQVDVENPDLEKFPKFAKAPFLSCILSPGEILFIPVKYWHYVRALDLSFSVSFWWS
;
_entity_poly.pdbx_strand_id   A
#
loop_
_chem_comp.id
_chem_comp.type
_chem_comp.name
_chem_comp.formula
AKG non-polymer '2-OXOGLUTARIC ACID' 'C5 H6 O5'
ZN non-polymer 'ZINC ION' 'Zn 2'
#
# COMPACT_ATOMS: atom_id res chain seq x y z
N GLY A 1 -18.96 -0.26 -7.91
CA GLY A 1 -18.43 -1.60 -8.02
C GLY A 1 -18.78 -2.53 -6.87
N SER A 2 -18.00 -3.57 -6.68
CA SER A 2 -18.29 -4.56 -5.66
C SER A 2 -17.16 -4.59 -4.64
N GLY A 3 -17.37 -5.39 -3.59
CA GLY A 3 -16.33 -5.58 -2.60
C GLY A 3 -15.33 -6.63 -3.06
N VAL A 4 -14.07 -6.40 -2.74
CA VAL A 4 -13.01 -7.36 -3.08
C VAL A 4 -13.28 -8.67 -2.37
N PRO A 5 -13.21 -9.82 -3.05
CA PRO A 5 -13.50 -11.09 -2.36
C PRO A 5 -12.47 -11.36 -1.27
N ARG A 6 -12.89 -12.11 -0.26
CA ARG A 6 -12.05 -12.49 0.87
C ARG A 6 -12.09 -14.02 0.96
N LEU A 7 -10.93 -14.67 0.84
CA LEU A 7 -10.78 -16.12 0.95
C LEU A 7 -9.84 -16.47 2.10
N HIS A 8 -10.23 -17.47 2.90
CA HIS A 8 -9.44 -17.92 4.03
C HIS A 8 -8.48 -18.99 3.51
N ARG A 9 -7.15 -18.66 3.55
CA ARG A 9 -5.97 -19.41 3.12
C ARG A 9 -6.29 -20.31 1.94
N PRO A 10 -6.53 -19.75 0.76
CA PRO A 10 -6.75 -20.60 -0.42
C PRO A 10 -5.52 -21.43 -0.71
N SER A 11 -5.76 -22.58 -1.33
CA SER A 11 -4.65 -23.39 -1.82
C SER A 11 -3.90 -22.60 -2.89
N LEU A 12 -2.63 -22.98 -3.09
CA LEU A 12 -1.76 -22.25 -4.01
C LEU A 12 -2.26 -22.34 -5.44
N GLN A 13 -2.74 -23.52 -5.84
CA GLN A 13 -3.18 -23.67 -7.22
C GLN A 13 -4.46 -22.92 -7.46
N HIS A 14 -5.30 -22.82 -6.43
CA HIS A 14 -6.56 -22.10 -6.54
C HIS A 14 -6.32 -20.60 -6.55
N PHE A 15 -5.30 -20.13 -5.80
CA PHE A 15 -4.91 -18.74 -5.93
C PHE A 15 -4.29 -18.49 -7.29
N ARG A 16 -3.46 -19.43 -7.76
CA ARG A 16 -2.84 -19.32 -9.06
C ARG A 16 -3.89 -19.20 -10.16
N GLU A 17 -4.89 -20.07 -10.11
CA GLU A 17 -5.80 -20.21 -11.24
C GLU A 17 -6.91 -19.17 -11.23
N GLN A 18 -7.48 -18.84 -10.07
CA GLN A 18 -8.58 -17.88 -10.07
C GLN A 18 -8.16 -16.44 -9.93
N PHE A 19 -6.91 -16.17 -9.53
CA PHE A 19 -6.51 -14.82 -9.19
C PHE A 19 -5.20 -14.41 -9.84
N LEU A 20 -4.10 -15.12 -9.55
CA LEU A 20 -2.79 -14.71 -10.06
C LEU A 20 -2.78 -14.69 -11.58
N VAL A 21 -3.16 -15.82 -12.21
CA VAL A 21 -3.09 -15.92 -13.67
C VAL A 21 -4.02 -14.94 -14.37
N PRO A 22 -5.32 -14.84 -14.06
CA PRO A 22 -6.14 -13.76 -14.65
C PRO A 22 -5.86 -12.37 -14.08
N GLY A 23 -5.18 -12.26 -12.95
CA GLY A 23 -4.95 -10.94 -12.41
C GLY A 23 -6.20 -10.31 -11.85
N ARG A 24 -6.87 -11.02 -10.90
CA ARG A 24 -7.98 -10.38 -10.20
C ARG A 24 -7.60 -10.17 -8.76
N PRO A 25 -8.04 -9.08 -8.14
CA PRO A 25 -7.64 -8.82 -6.76
C PRO A 25 -8.39 -9.74 -5.81
N VAL A 26 -7.76 -10.01 -4.67
CA VAL A 26 -8.39 -10.80 -3.63
C VAL A 26 -7.80 -10.36 -2.30
N ILE A 27 -8.57 -10.51 -1.24
CA ILE A 27 -8.02 -10.48 0.10
C ILE A 27 -7.84 -11.91 0.59
N LEU A 28 -6.65 -12.23 1.09
CA LEU A 28 -6.36 -13.49 1.74
C LEU A 28 -6.42 -13.30 3.25
N LYS A 29 -7.30 -14.05 3.91
CA LYS A 29 -7.37 -14.05 5.36
C LYS A 29 -6.72 -15.31 5.92
N GLY A 30 -6.58 -15.33 7.24
CA GLY A 30 -5.92 -16.43 7.92
C GLY A 30 -4.51 -16.73 7.46
N VAL A 31 -3.83 -15.78 6.81
CA VAL A 31 -2.50 -16.00 6.26
C VAL A 31 -1.42 -15.26 7.06
N ALA A 32 -1.54 -13.93 7.13
CA ALA A 32 -0.58 -13.14 7.91
C ALA A 32 -1.08 -12.83 9.32
N ASP A 33 -2.29 -13.27 9.68
CA ASP A 33 -2.96 -12.76 10.87
C ASP A 33 -2.23 -13.14 12.16
N HIS A 34 -1.45 -14.21 12.15
CA HIS A 34 -0.66 -14.60 13.32
C HIS A 34 0.84 -14.25 13.23
N TRP A 35 1.28 -13.55 12.18
CA TRP A 35 2.67 -13.09 12.14
C TRP A 35 2.99 -12.27 13.39
N PRO A 36 4.23 -12.33 13.88
CA PRO A 36 4.56 -11.62 15.13
C PRO A 36 4.25 -10.13 15.07
N CYS A 37 4.37 -9.51 13.90
CA CYS A 37 4.13 -8.08 13.79
C CYS A 37 2.72 -7.71 14.24
N MET A 38 1.75 -8.63 14.08
CA MET A 38 0.36 -8.28 14.31
C MET A 38 0.09 -7.95 15.78
N GLN A 39 0.73 -8.67 16.69
CA GLN A 39 0.60 -8.33 18.09
C GLN A 39 1.72 -7.48 18.65
N LYS A 40 2.90 -7.54 18.01
CA LYS A 40 4.08 -6.87 18.56
C LYS A 40 4.18 -5.39 18.17
N TRP A 41 3.77 -5.00 16.97
CA TRP A 41 4.06 -3.64 16.50
C TRP A 41 3.10 -2.62 17.11
N SER A 42 3.68 -1.64 17.79
CA SER A 42 2.99 -0.53 18.41
C SER A 42 3.90 0.68 18.30
N LEU A 43 3.42 1.84 18.74
CA LEU A 43 4.30 3.01 18.74
C LEU A 43 5.46 2.80 19.69
N GLU A 44 5.17 2.32 20.91
CA GLU A 44 6.23 2.00 21.86
C GLU A 44 7.30 1.12 21.23
N TYR A 45 6.88 0.04 20.57
CA TYR A 45 7.82 -0.96 20.08
C TYR A 45 8.57 -0.47 18.84
N ILE A 46 7.89 0.25 17.94
CA ILE A 46 8.55 0.81 16.77
C ILE A 46 9.60 1.84 17.17
N GLN A 47 9.28 2.66 18.18
CA GLN A 47 10.29 3.56 18.73
C GLN A 47 11.43 2.76 19.35
N GLU A 48 11.12 1.72 20.13
CA GLU A 48 12.16 0.96 20.82
C GLU A 48 13.16 0.35 19.84
N ILE A 49 12.67 -0.27 18.78
CA ILE A 49 13.58 -0.94 17.86
C ILE A 49 14.16 0.03 16.80
N ALA A 50 13.32 0.85 16.17
CA ALA A 50 13.75 1.69 15.06
C ALA A 50 13.89 3.19 15.35
N GLY A 51 13.70 3.63 16.60
CA GLY A 51 13.50 5.05 16.87
C GLY A 51 14.60 5.98 16.37
N CYS A 52 15.86 5.53 16.42
CA CYS A 52 16.99 6.41 16.09
C CYS A 52 17.41 6.36 14.63
N ARG A 53 16.75 5.53 13.82
CA ARG A 53 17.12 5.36 12.42
C ARG A 53 16.56 6.49 11.54
N THR A 54 17.22 6.69 10.41
CA THR A 54 16.86 7.72 9.44
C THR A 54 15.92 7.13 8.40
N VAL A 55 14.80 7.81 8.17
CA VAL A 55 13.80 7.42 7.19
C VAL A 55 13.38 8.62 6.35
N PRO A 56 13.03 8.42 5.08
CA PRO A 56 12.42 9.48 4.29
C PRO A 56 10.94 9.61 4.59
N VAL A 57 10.44 10.83 4.49
CA VAL A 57 9.07 11.14 4.86
C VAL A 57 8.50 12.03 3.77
N GLU A 58 7.32 11.69 3.27
CA GLU A 58 6.62 12.52 2.31
C GLU A 58 5.68 13.46 3.06
N VAL A 59 5.89 14.75 2.89
CA VAL A 59 5.05 15.76 3.55
C VAL A 59 4.12 16.38 2.52
N GLY A 60 2.85 16.50 2.89
CA GLY A 60 1.79 16.97 2.03
C GLY A 60 0.77 15.88 1.72
N SER A 61 -0.44 16.34 1.40
CA SER A 61 -1.56 15.43 1.29
C SER A 61 -1.33 14.43 0.16
N ARG A 62 -0.99 14.93 -1.01
CA ARG A 62 -0.67 14.10 -2.17
C ARG A 62 0.32 14.89 -3.02
N TYR A 63 0.87 14.26 -4.05
CA TYR A 63 2.14 14.74 -4.56
C TYR A 63 2.08 15.63 -5.80
N THR A 64 0.90 15.97 -6.34
CA THR A 64 0.86 16.71 -7.61
C THR A 64 1.56 18.06 -7.62
N ASP A 65 0.95 19.11 -7.07
CA ASP A 65 1.63 20.41 -7.03
C ASP A 65 2.64 20.37 -5.91
N GLU A 66 3.82 20.93 -6.14
CA GLU A 66 4.81 20.66 -5.11
C GLU A 66 4.61 21.73 -4.05
N GLU A 67 3.70 21.33 -3.17
CA GLU A 67 3.39 21.49 -1.76
C GLU A 67 4.01 20.28 -1.08
N TRP A 68 3.62 19.11 -1.58
CA TRP A 68 4.32 17.87 -1.31
C TRP A 68 5.83 18.04 -1.50
N SER A 69 6.57 17.66 -0.47
CA SER A 69 8.02 17.54 -0.53
C SER A 69 8.42 16.23 0.11
N GLN A 70 9.68 15.86 -0.07
CA GLN A 70 10.29 14.69 0.54
C GLN A 70 11.42 15.14 1.46
N THR A 71 11.48 14.59 2.65
CA THR A 71 12.49 14.98 3.61
C THR A 71 13.05 13.73 4.29
N LEU A 72 13.92 13.94 5.27
CA LEU A 72 14.50 12.86 6.04
C LEU A 72 14.45 13.22 7.51
N MET A 73 14.25 12.21 8.36
CA MET A 73 14.25 12.46 9.79
C MET A 73 14.38 11.12 10.49
N THR A 74 14.53 11.16 11.80
CA THR A 74 14.51 9.91 12.55
C THR A 74 13.07 9.44 12.76
N VAL A 75 12.92 8.12 12.91
CA VAL A 75 11.61 7.52 13.15
C VAL A 75 10.96 8.19 14.36
N ASN A 76 11.76 8.45 15.39
CA ASN A 76 11.25 9.15 16.57
C ASN A 76 10.72 10.53 16.19
N GLU A 77 11.49 11.26 15.37
CA GLU A 77 11.03 12.58 14.94
C GLU A 77 9.79 12.48 14.08
N PHE A 78 9.67 11.42 13.27
CA PHE A 78 8.47 11.28 12.44
C PHE A 78 7.24 10.98 13.29
N ILE A 79 7.39 10.11 14.27
CA ILE A 79 6.28 9.79 15.16
C ILE A 79 5.84 11.03 15.94
N SER A 80 6.80 11.72 16.56
CA SER A 80 6.45 12.88 17.36
C SER A 80 5.86 13.99 16.50
N LYS A 81 6.41 14.20 15.30
CA LYS A 81 6.00 15.36 14.53
C LYS A 81 4.74 15.11 13.72
N TYR A 82 4.62 13.94 13.07
CA TYR A 82 3.54 13.68 12.12
C TYR A 82 2.43 12.75 12.62
N ILE A 83 2.54 12.23 13.83
CA ILE A 83 1.58 11.25 14.34
C ILE A 83 1.05 11.71 15.69
N VAL A 84 1.94 11.88 16.66
CA VAL A 84 1.53 12.02 18.05
C VAL A 84 1.02 13.43 18.35
N ASN A 85 1.86 14.46 18.17
CA ASN A 85 1.53 15.79 18.68
C ASN A 85 0.97 16.62 17.53
N GLU A 86 -0.37 16.72 17.48
CA GLU A 86 -1.17 17.64 16.69
C GLU A 86 -0.44 18.06 15.42
N PRO A 87 -0.12 17.13 14.52
CA PRO A 87 0.76 17.48 13.40
C PRO A 87 0.23 18.66 12.58
N ARG A 88 1.17 19.46 12.09
CA ARG A 88 0.91 20.67 11.32
C ARG A 88 0.68 20.40 9.85
N ASP A 89 1.05 19.21 9.39
CA ASP A 89 0.88 18.81 8.00
C ASP A 89 0.88 17.30 7.99
N VAL A 90 0.44 16.72 6.88
CA VAL A 90 0.37 15.26 6.77
C VAL A 90 1.74 14.78 6.32
N GLY A 91 2.43 14.07 7.21
CA GLY A 91 3.61 13.30 6.85
C GLY A 91 3.32 11.81 6.73
N TYR A 92 4.07 11.14 5.86
CA TYR A 92 3.84 9.73 5.55
C TYR A 92 5.19 9.05 5.37
N LEU A 93 5.45 7.97 6.11
CA LEU A 93 6.67 7.18 5.85
C LEU A 93 6.29 6.11 4.85
N ALA A 94 6.63 6.36 3.61
CA ALA A 94 6.02 5.68 2.48
C ALA A 94 7.09 5.05 1.61
N GLN A 95 6.74 3.92 1.00
CA GLN A 95 7.55 3.26 -0.03
C GLN A 95 9.02 3.14 0.37
N HIS A 96 9.29 2.74 1.61
CA HIS A 96 10.65 2.65 2.13
C HIS A 96 10.95 1.21 2.50
N GLN A 97 12.14 0.73 2.13
CA GLN A 97 12.46 -0.65 2.48
C GLN A 97 13.12 -0.57 3.85
N LEU A 98 12.31 -0.71 4.88
CA LEU A 98 12.74 -0.52 6.25
C LEU A 98 13.27 -1.79 6.87
N PHE A 99 12.95 -2.93 6.28
CA PHE A 99 13.36 -4.23 6.79
C PHE A 99 14.73 -4.66 6.29
N ASP A 100 15.18 -4.14 5.15
CA ASP A 100 16.61 -4.25 4.83
C ASP A 100 17.43 -3.28 5.65
N GLN A 101 16.83 -2.19 6.13
CA GLN A 101 17.52 -1.23 6.98
C GLN A 101 17.59 -1.71 8.43
N ILE A 102 16.51 -2.29 8.95
CA ILE A 102 16.52 -2.81 10.32
C ILE A 102 16.16 -4.30 10.25
N PRO A 103 17.16 -5.18 10.11
CA PRO A 103 16.87 -6.62 9.93
C PRO A 103 16.04 -7.22 11.06
N GLU A 104 16.16 -6.67 12.27
CA GLU A 104 15.43 -7.20 13.41
C GLU A 104 13.92 -7.03 13.25
N LEU A 105 13.45 -6.04 12.49
CA LEU A 105 12.03 -5.95 12.15
C LEU A 105 11.61 -6.99 11.14
N LYS A 106 12.53 -7.48 10.32
CA LYS A 106 12.19 -8.50 9.34
C LYS A 106 11.84 -9.84 10.00
N GLN A 107 12.41 -10.13 11.18
CA GLN A 107 11.97 -11.32 11.91
C GLN A 107 10.49 -11.31 12.29
N ASP A 108 9.86 -10.14 12.27
CA ASP A 108 8.46 -10.01 12.64
C ASP A 108 7.52 -10.29 11.47
N ILE A 109 8.06 -10.42 10.25
CA ILE A 109 7.23 -10.73 9.09
C ILE A 109 7.71 -12.02 8.42
N SER A 110 7.02 -12.41 7.35
CA SER A 110 7.44 -13.50 6.47
C SER A 110 7.05 -13.12 5.05
N ILE A 111 7.62 -13.83 4.08
CA ILE A 111 7.23 -13.70 2.69
C ILE A 111 6.09 -14.70 2.44
N PRO A 112 4.90 -14.24 2.05
CA PRO A 112 3.79 -15.19 1.86
C PRO A 112 4.13 -16.28 0.87
N ASP A 113 3.61 -17.48 1.15
CA ASP A 113 3.93 -18.67 0.35
C ASP A 113 3.59 -18.47 -1.13
N TYR A 114 2.54 -17.69 -1.40
CA TYR A 114 2.02 -17.58 -2.76
C TYR A 114 3.04 -16.95 -3.70
N CYS A 115 4.01 -16.22 -3.13
CA CYS A 115 5.06 -15.62 -3.96
C CYS A 115 5.84 -16.67 -4.73
N SER A 116 5.96 -17.89 -4.18
CA SER A 116 6.71 -18.92 -4.89
C SER A 116 6.03 -19.32 -6.19
N LEU A 117 4.77 -18.90 -6.39
CA LEU A 117 4.13 -19.13 -7.69
C LEU A 117 4.70 -18.25 -8.78
N GLY A 118 5.44 -17.20 -8.42
CA GLY A 118 6.02 -16.32 -9.41
C GLY A 118 7.19 -16.94 -10.15
N ASP A 119 7.68 -16.21 -11.15
CA ASP A 119 8.84 -16.61 -11.94
C ASP A 119 10.13 -15.96 -11.44
N GLY A 120 10.07 -15.22 -10.34
CA GLY A 120 11.20 -14.46 -9.84
C GLY A 120 11.85 -15.06 -8.60
N GLU A 121 12.96 -14.42 -8.21
CA GLU A 121 13.76 -14.88 -7.10
C GLU A 121 13.28 -14.24 -5.80
N GLU A 122 13.11 -15.07 -4.76
CA GLU A 122 12.73 -14.61 -3.43
C GLU A 122 13.65 -13.50 -2.91
N GLU A 123 14.93 -13.51 -3.28
CA GLU A 123 15.84 -12.49 -2.79
C GLU A 123 15.51 -11.13 -3.39
N GLU A 124 14.93 -11.09 -4.58
CA GLU A 124 14.61 -9.83 -5.25
C GLU A 124 13.22 -9.30 -4.91
N ILE A 125 12.45 -9.95 -4.03
CA ILE A 125 11.15 -9.39 -3.64
C ILE A 125 11.38 -8.10 -2.84
N THR A 126 10.71 -7.02 -3.25
CA THR A 126 10.90 -5.72 -2.62
C THR A 126 9.89 -5.55 -1.50
N ILE A 127 10.38 -5.35 -0.28
CA ILE A 127 9.55 -5.21 0.92
C ILE A 127 9.55 -3.75 1.37
N ASN A 128 8.37 -3.12 1.40
CA ASN A 128 8.22 -1.69 1.65
C ASN A 128 7.34 -1.42 2.86
N ALA A 129 7.83 -0.60 3.78
CA ALA A 129 7.00 -0.16 4.91
C ALA A 129 6.15 1.02 4.49
N TRP A 130 4.92 1.09 5.02
CA TRP A 130 4.04 2.25 4.84
C TRP A 130 3.43 2.58 6.20
N PHE A 131 3.82 3.70 6.78
CA PHE A 131 3.53 3.98 8.18
C PHE A 131 3.25 5.46 8.31
N GLY A 132 2.15 5.80 8.96
CA GLY A 132 1.75 7.18 9.05
C GLY A 132 0.41 7.34 9.74
N PRO A 133 -0.04 8.59 9.90
CA PRO A 133 -1.24 8.84 10.68
C PRO A 133 -2.49 8.51 9.88
N GLN A 134 -3.64 8.64 10.53
CA GLN A 134 -4.92 8.61 9.83
C GLN A 134 -4.93 9.68 8.74
N GLY A 135 -5.34 9.31 7.52
CA GLY A 135 -5.57 10.33 6.50
C GLY A 135 -4.55 10.46 5.40
N THR A 136 -3.41 9.75 5.44
CA THR A 136 -2.54 9.70 4.29
C THR A 136 -3.30 9.18 3.07
N ILE A 137 -2.96 9.73 1.90
CA ILE A 137 -3.58 9.33 0.64
C ILE A 137 -2.48 8.99 -0.36
N SER A 138 -2.50 7.76 -0.87
CA SER A 138 -1.71 7.42 -2.05
C SER A 138 -2.58 7.59 -3.28
N PRO A 139 -2.29 8.54 -4.17
CA PRO A 139 -3.13 8.76 -5.34
C PRO A 139 -3.16 7.55 -6.26
N LEU A 140 -4.18 7.52 -7.11
CA LEU A 140 -4.41 6.39 -8.01
C LEU A 140 -3.19 6.17 -8.88
N HIS A 141 -2.64 4.97 -8.82
CA HIS A 141 -1.40 4.67 -9.49
C HIS A 141 -1.34 3.17 -9.76
N GLN A 142 -0.46 2.77 -10.67
CA GLN A 142 -0.15 1.36 -10.92
C GLN A 142 1.34 1.09 -10.72
N ASP A 143 1.65 -0.17 -10.41
CA ASP A 143 2.97 -0.68 -10.09
C ASP A 143 3.36 -1.79 -11.04
N PRO A 144 4.68 -1.93 -11.27
CA PRO A 144 5.17 -2.86 -12.31
C PRO A 144 5.17 -4.33 -11.95
N GLN A 145 4.98 -4.72 -10.69
CA GLN A 145 4.97 -6.13 -10.29
C GLN A 145 3.69 -6.48 -9.54
N GLN A 146 3.57 -7.77 -9.21
CA GLN A 146 2.54 -8.25 -8.28
C GLN A 146 2.78 -7.66 -6.90
N ASN A 147 1.69 -7.48 -6.14
CA ASN A 147 1.86 -6.90 -4.81
C ASN A 147 0.99 -7.59 -3.78
N PHE A 148 1.59 -7.97 -2.67
CA PHE A 148 0.87 -8.35 -1.47
C PHE A 148 1.00 -7.22 -0.47
N LEU A 149 -0.11 -6.51 -0.21
CA LEU A 149 -0.15 -5.46 0.80
C LEU A 149 -0.73 -6.02 2.09
N VAL A 150 0.11 -6.15 3.10
CA VAL A 150 -0.27 -6.78 4.36
C VAL A 150 -0.56 -5.65 5.35
N GLN A 151 -1.80 -5.62 5.86
CA GLN A 151 -2.20 -4.63 6.84
C GLN A 151 -1.81 -5.11 8.24
N VAL A 152 -1.22 -4.21 9.03
CA VAL A 152 -0.69 -4.57 10.35
C VAL A 152 -1.39 -3.74 11.42
N MET A 153 -1.28 -2.42 11.30
CA MET A 153 -2.00 -1.51 12.17
C MET A 153 -3.01 -0.69 11.37
N GLY A 154 -4.18 -0.49 11.95
CA GLY A 154 -5.20 0.38 11.39
C GLY A 154 -5.86 -0.21 10.17
N ARG A 155 -6.76 0.59 9.59
CA ARG A 155 -7.55 0.20 8.44
C ARG A 155 -7.25 1.12 7.27
N LYS A 156 -7.42 0.61 6.05
CA LYS A 156 -7.23 1.41 4.86
C LYS A 156 -8.40 1.22 3.91
N TYR A 157 -8.98 2.34 3.48
CA TYR A 157 -9.95 2.32 2.39
C TYR A 157 -9.19 2.26 1.06
N ILE A 158 -9.50 1.26 0.24
CA ILE A 158 -8.76 1.02 -1.00
C ILE A 158 -9.72 0.94 -2.18
N ARG A 159 -9.31 1.55 -3.30
CA ARG A 159 -10.05 1.39 -4.55
C ARG A 159 -9.13 0.90 -5.67
N LEU A 160 -9.66 -0.02 -6.47
CA LEU A 160 -8.95 -0.72 -7.53
C LEU A 160 -9.70 -0.57 -8.84
N TYR A 161 -8.98 -0.14 -9.87
CA TYR A 161 -9.50 -0.08 -11.22
C TYR A 161 -8.64 -0.94 -12.14
N SER A 162 -9.28 -1.62 -13.08
CA SER A 162 -8.56 -2.56 -13.90
C SER A 162 -7.66 -1.83 -14.91
N PRO A 163 -6.57 -2.47 -15.36
CA PRO A 163 -5.83 -1.93 -16.51
C PRO A 163 -6.71 -1.69 -17.72
N GLN A 164 -7.70 -2.55 -17.97
CA GLN A 164 -8.62 -2.38 -19.09
C GLN A 164 -9.38 -1.06 -19.03
N GLU A 165 -9.50 -0.45 -17.86
CA GLU A 165 -10.18 0.83 -17.72
C GLU A 165 -9.25 2.05 -17.79
N SER A 166 -7.96 1.86 -18.14
CA SER A 166 -7.00 2.97 -18.06
C SER A 166 -7.45 4.18 -18.87
N GLY A 167 -8.19 3.98 -19.96
CA GLY A 167 -8.65 5.09 -20.78
C GLY A 167 -9.59 6.03 -20.07
N ALA A 168 -10.19 5.61 -18.96
CA ALA A 168 -11.04 6.51 -18.17
C ALA A 168 -10.32 7.08 -16.96
N LEU A 169 -9.05 6.71 -16.75
CA LEU A 169 -8.30 7.17 -15.58
C LEU A 169 -7.34 8.32 -15.85
N TYR A 170 -7.23 8.77 -17.10
CA TYR A 170 -6.44 9.94 -17.47
C TYR A 170 -5.03 10.01 -16.89
N PRO A 171 -4.15 9.07 -17.25
CA PRO A 171 -2.78 9.09 -16.72
C PRO A 171 -1.99 10.33 -17.16
N HIS A 172 -1.06 10.75 -16.30
CA HIS A 172 -0.19 11.89 -16.64
C HIS A 172 0.59 11.65 -17.92
N ASP A 173 0.70 12.69 -18.75
CA ASP A 173 1.34 12.55 -20.03
C ASP A 173 2.84 12.32 -19.93
N THR A 174 3.49 13.02 -19.00
CA THR A 174 4.93 12.85 -18.80
C THR A 174 5.26 11.41 -18.48
N HIS A 175 6.19 10.82 -19.24
CA HIS A 175 6.53 9.42 -19.03
C HIS A 175 7.02 9.14 -17.61
N LEU A 176 7.52 10.15 -16.91
CA LEU A 176 7.87 9.98 -15.49
C LEU A 176 6.64 9.63 -14.66
N LEU A 177 5.56 10.39 -14.83
CA LEU A 177 4.31 10.23 -14.10
C LEU A 177 3.33 9.31 -14.84
N HIS A 178 3.82 8.63 -15.87
CA HIS A 178 3.00 7.83 -16.79
C HIS A 178 2.02 6.91 -16.08
N ASN A 179 2.44 6.31 -14.98
CA ASN A 179 1.67 5.31 -14.25
C ASN A 179 0.84 5.89 -13.10
N THR A 180 0.70 7.21 -13.01
CA THR A 180 -0.13 7.86 -11.99
C THR A 180 -1.33 8.55 -12.65
N SER A 181 -2.50 8.44 -12.02
CA SER A 181 -3.71 9.05 -12.56
C SER A 181 -3.81 10.52 -12.18
N GLN A 182 -4.28 11.33 -13.12
CA GLN A 182 -4.53 12.73 -12.78
C GLN A 182 -5.76 12.91 -11.89
N VAL A 183 -6.61 11.89 -11.78
CA VAL A 183 -7.90 12.04 -11.12
C VAL A 183 -7.74 11.86 -9.62
N ASP A 184 -8.44 12.69 -8.86
CA ASP A 184 -8.57 12.51 -7.43
C ASP A 184 -9.75 11.57 -7.24
N VAL A 185 -9.47 10.35 -6.78
CA VAL A 185 -10.47 9.28 -6.83
C VAL A 185 -11.72 9.68 -6.03
N GLU A 186 -11.53 10.34 -4.89
CA GLU A 186 -12.63 10.58 -3.97
C GLU A 186 -13.30 11.94 -4.20
N ASN A 187 -12.73 12.77 -5.04
CA ASN A 187 -13.45 13.97 -5.43
C ASN A 187 -13.11 14.33 -6.86
N PRO A 188 -13.48 13.50 -7.83
CA PRO A 188 -13.01 13.73 -9.20
C PRO A 188 -13.61 14.97 -9.82
N ASP A 189 -12.81 15.68 -10.63
CA ASP A 189 -13.38 16.78 -11.40
C ASP A 189 -13.89 16.16 -12.69
N LEU A 190 -15.22 16.03 -12.79
CA LEU A 190 -15.82 15.33 -13.92
C LEU A 190 -16.12 16.27 -15.06
N GLU A 191 -15.93 17.57 -14.85
CA GLU A 191 -15.86 18.48 -15.98
C GLU A 191 -14.58 18.25 -16.76
N LYS A 192 -13.46 18.08 -16.06
CA LYS A 192 -12.20 17.79 -16.75
C LYS A 192 -12.09 16.32 -17.14
N PHE A 193 -12.51 15.40 -16.26
CA PHE A 193 -12.30 13.96 -16.45
C PHE A 193 -13.61 13.18 -16.50
N PRO A 194 -14.47 13.44 -17.50
CA PRO A 194 -15.84 12.87 -17.44
C PRO A 194 -15.88 11.35 -17.48
N LYS A 195 -15.00 10.72 -18.27
CA LYS A 195 -15.03 9.27 -18.41
C LYS A 195 -14.70 8.55 -17.10
N PHE A 196 -14.20 9.26 -16.08
CA PHE A 196 -13.93 8.61 -14.81
C PHE A 196 -15.21 8.17 -14.12
N ALA A 197 -16.33 8.81 -14.44
CA ALA A 197 -17.57 8.54 -13.73
C ALA A 197 -18.05 7.12 -13.99
N LYS A 198 -17.98 6.67 -15.25
CA LYS A 198 -18.58 5.40 -15.64
C LYS A 198 -17.65 4.21 -15.46
N ALA A 199 -16.41 4.43 -15.05
CA ALA A 199 -15.46 3.32 -15.05
C ALA A 199 -15.68 2.44 -13.82
N PRO A 200 -15.80 1.13 -14.00
CA PRO A 200 -16.03 0.24 -12.86
C PRO A 200 -14.78 0.04 -12.02
N PHE A 201 -15.00 -0.35 -10.76
CA PHE A 201 -13.94 -0.55 -9.81
C PHE A 201 -14.37 -1.57 -8.76
N LEU A 202 -13.39 -2.08 -8.03
CA LEU A 202 -13.60 -2.76 -6.76
C LEU A 202 -13.10 -1.87 -5.63
N SER A 203 -13.67 -2.04 -4.44
CA SER A 203 -13.20 -1.32 -3.28
C SER A 203 -13.27 -2.22 -2.06
N CYS A 204 -12.56 -1.83 -1.01
CA CYS A 204 -12.57 -2.61 0.22
C CYS A 204 -12.11 -1.73 1.35
N ILE A 205 -12.35 -2.21 2.55
CA ILE A 205 -11.67 -1.69 3.75
C ILE A 205 -10.75 -2.80 4.24
N LEU A 206 -9.43 -2.59 4.07
CA LEU A 206 -8.41 -3.54 4.49
C LEU A 206 -8.07 -3.35 5.96
N SER A 207 -8.00 -4.45 6.69
CA SER A 207 -7.93 -4.46 8.15
C SER A 207 -6.76 -5.30 8.61
N PRO A 208 -6.33 -5.16 9.86
CA PRO A 208 -5.12 -5.84 10.31
C PRO A 208 -5.26 -7.35 10.25
N GLY A 209 -4.17 -8.00 9.86
CA GLY A 209 -4.14 -9.41 9.61
C GLY A 209 -4.46 -9.80 8.19
N GLU A 210 -5.04 -8.89 7.41
CA GLU A 210 -5.55 -9.20 6.07
C GLU A 210 -4.52 -8.87 5.02
N ILE A 211 -4.46 -9.68 3.97
CA ILE A 211 -3.54 -9.42 2.87
C ILE A 211 -4.36 -9.07 1.64
N LEU A 212 -4.05 -7.93 1.02
CA LEU A 212 -4.64 -7.59 -0.26
C LEU A 212 -3.66 -7.89 -1.39
N PHE A 213 -4.02 -8.84 -2.24
CA PHE A 213 -3.30 -9.08 -3.49
C PHE A 213 -3.73 -8.07 -4.53
N ILE A 214 -2.79 -7.26 -5.00
CA ILE A 214 -2.97 -6.32 -6.10
C ILE A 214 -2.27 -6.91 -7.32
N PRO A 215 -3.01 -7.32 -8.36
CA PRO A 215 -2.38 -7.80 -9.59
C PRO A 215 -1.47 -6.75 -10.22
N VAL A 216 -0.45 -7.23 -10.96
CA VAL A 216 0.46 -6.33 -11.67
C VAL A 216 -0.33 -5.33 -12.47
N LYS A 217 0.07 -4.06 -12.35
CA LYS A 217 -0.41 -2.95 -13.16
C LYS A 217 -1.86 -2.60 -12.83
N TYR A 218 -2.49 -3.29 -11.88
CA TYR A 218 -3.82 -2.89 -11.41
C TYR A 218 -3.75 -1.52 -10.71
N TRP A 219 -4.64 -0.62 -11.09
CA TRP A 219 -4.63 0.70 -10.48
C TRP A 219 -5.23 0.61 -9.09
N HIS A 220 -4.62 1.32 -8.13
CA HIS A 220 -5.08 1.36 -6.75
C HIS A 220 -4.90 2.75 -6.17
N TYR A 221 -5.88 3.17 -5.37
CA TYR A 221 -5.83 4.36 -4.55
C TYR A 221 -6.05 3.91 -3.11
N VAL A 222 -5.38 4.55 -2.16
CA VAL A 222 -5.31 4.08 -0.77
C VAL A 222 -5.40 5.26 0.18
N ARG A 223 -6.39 5.24 1.08
CA ARG A 223 -6.49 6.24 2.14
C ARG A 223 -6.46 5.54 3.49
N ALA A 224 -5.52 5.94 4.36
CA ALA A 224 -5.55 5.36 5.71
C ALA A 224 -6.73 5.94 6.51
N LEU A 225 -7.46 5.06 7.20
CA LEU A 225 -8.57 5.49 8.03
C LEU A 225 -8.19 5.66 9.49
N ASP A 226 -7.06 5.12 9.90
CA ASP A 226 -6.57 5.22 11.27
C ASP A 226 -5.07 5.39 11.19
N LEU A 227 -4.42 5.59 12.35
CA LEU A 227 -2.99 5.36 12.42
C LEU A 227 -2.72 4.00 11.80
N SER A 228 -1.80 3.97 10.84
CA SER A 228 -1.76 2.82 9.94
C SER A 228 -0.33 2.39 9.64
N PHE A 229 -0.13 1.06 9.64
CA PHE A 229 1.11 0.44 9.21
C PHE A 229 0.77 -0.72 8.28
N SER A 230 1.25 -0.65 7.03
CA SER A 230 1.14 -1.72 6.06
C SER A 230 2.53 -2.08 5.56
N VAL A 231 2.65 -3.28 4.99
CA VAL A 231 3.91 -3.82 4.49
C VAL A 231 3.65 -4.42 3.12
N SER A 232 4.30 -3.89 2.09
CA SER A 232 4.04 -4.33 0.73
C SER A 232 5.17 -5.23 0.24
N PHE A 233 4.79 -6.31 -0.47
CA PHE A 233 5.73 -7.23 -1.10
C PHE A 233 5.52 -7.13 -2.60
N TRP A 234 6.48 -6.54 -3.29
CA TRP A 234 6.49 -6.49 -4.74
C TRP A 234 7.26 -7.70 -5.24
N TRP A 235 6.60 -8.54 -6.04
CA TRP A 235 7.20 -9.80 -6.46
C TRP A 235 6.76 -10.04 -7.89
N SER A 236 7.45 -10.95 -8.56
CA SER A 236 7.13 -11.23 -9.96
C SER A 236 7.37 -12.69 -10.29
N 2MR B . 4.05 5.13 -7.55
CA 2MR B . 4.22 4.56 -6.21
CB 2MR B . 2.93 4.82 -5.46
CG 2MR B . 3.10 4.38 -4.00
CD 2MR B . 1.83 4.66 -3.17
NE 2MR B . 1.77 6.00 -2.52
CZ 2MR B . 2.84 6.96 -2.34
NH1 2MR B . 2.64 8.05 -1.77
CQ1 2MR B . 1.38 8.50 -1.20
NH2 2MR B . 4.18 6.67 -2.83
CQ2 2MR B . 5.22 7.61 -2.69
C 2MR B . 4.49 3.04 -6.24
O 2MR B . 3.75 2.21 -5.61
OXT 2MR B . 5.46 2.63 -6.95
C1 AKG C . 1.64 -0.32 -2.80
O1 AKG C . 1.63 -1.28 -1.97
O2 AKG C . 2.20 -0.55 -3.94
C2 AKG C . 1.01 1.00 -2.39
O5 AKG C . 0.65 1.77 -3.23
C3 AKG C . 0.85 1.37 -0.90
C4 AKG C . -0.53 1.88 -0.50
C5 AKG C . -0.50 2.73 0.77
O3 AKG C . -0.69 2.16 1.89
O4 AKG C . -0.27 3.98 0.72
ZN ZN D . 1.33 0.97 -5.25
#